data_8JFX
#
_entry.id   8JFX
#
_cell.length_a   50.315
_cell.length_b   53.487
_cell.length_c   90.134
_cell.angle_alpha   90.00
_cell.angle_beta   90.00
_cell.angle_gamma   90.00
#
_symmetry.space_group_name_H-M   'P 21 21 21'
#
loop_
_entity.id
_entity.type
_entity.pdbx_description
1 polymer 'Pseudouridylate synthase TRUB1'
2 non-polymer 'BROMIDE ION'
3 water water
#
_entity_poly.entity_id   1
_entity_poly.type   'polypeptide(L)'
_entity_poly.pdbx_seq_one_letter_code
;HMKAALATKLLSLSGVFAVHKPKGPTSAELLNRLKEKLLAEAGMPSPEWTKRKKQTLKIGHGGTLDSAARGVLVVGIGSG
TKMLTSMLSGSKRYTAIGELGKATDTLDSTGKVTEEKPYDKITQEDIEGILQKFTGNIMQVPPLYSALKKDGQRLSTLMK
RGEVVEAKPARPVTVYSISLQKFQPPFFTLDVECGGGFYIRSLVSDIGKELSSCANVLELTRTKQGPFTLEEHALPEDKW
TIDDIAQSLEHCSSLFPAELALK
;
_entity_poly.pdbx_strand_id   A
#
loop_
_chem_comp.id
_chem_comp.type
_chem_comp.name
_chem_comp.formula
BR non-polymer 'BROMIDE ION' 'Br -1'
#
# COMPACT_ATOMS: atom_id res chain seq x y z
N HIS A 1 28.99 5.67 21.37
CA HIS A 1 28.04 5.61 20.26
C HIS A 1 26.63 5.97 20.73
N MET A 2 26.32 5.61 21.98
CA MET A 2 25.03 5.95 22.54
C MET A 2 24.89 7.46 22.68
N LYS A 3 23.78 8.00 22.20
CA LYS A 3 23.48 9.42 22.28
C LYS A 3 22.24 9.55 23.15
N ALA A 4 22.43 9.83 24.43
CA ALA A 4 21.36 9.67 25.41
C ALA A 4 20.22 10.64 25.16
N ALA A 5 20.56 11.88 24.75
CA ALA A 5 19.51 12.86 24.50
C ALA A 5 18.68 12.47 23.28
N LEU A 6 19.33 11.93 22.25
CA LEU A 6 18.59 11.43 21.09
C LEU A 6 17.76 10.20 21.45
N ALA A 7 18.28 9.35 22.34
CA ALA A 7 17.54 8.18 22.77
C ALA A 7 16.27 8.58 23.52
N THR A 8 16.39 9.51 24.46
CA THR A 8 15.21 10.06 25.14
C THR A 8 14.22 10.61 24.12
N LYS A 9 14.71 11.35 23.14
CA LYS A 9 13.82 11.93 22.13
C LYS A 9 13.08 10.84 21.35
N LEU A 10 13.81 9.82 20.91
CA LEU A 10 13.18 8.72 20.17
C LEU A 10 12.07 8.07 20.99
N LEU A 11 12.38 7.67 22.22
CA LEU A 11 11.41 7.00 23.07
C LEU A 11 10.29 7.92 23.54
N SER A 12 10.39 9.23 23.30
CA SER A 12 9.32 10.16 23.63
C SER A 12 8.32 10.33 22.50
N LEU A 13 8.64 9.87 21.29
CA LEU A 13 7.75 10.06 20.15
C LEU A 13 6.52 9.15 20.27
N SER A 14 5.34 9.73 20.01
CA SER A 14 4.12 8.95 19.96
C SER A 14 3.17 9.61 18.96
N GLY A 15 2.64 8.82 18.04
CA GLY A 15 1.76 9.32 17.01
C GLY A 15 1.83 8.43 15.78
N VAL A 16 1.30 8.95 14.67
CA VAL A 16 1.26 8.24 13.40
C VAL A 16 1.87 9.11 12.32
N PHE A 17 2.62 8.48 11.42
CA PHE A 17 3.19 9.13 10.25
C PHE A 17 3.18 8.12 9.09
N ALA A 18 3.71 8.54 7.96
CA ALA A 18 3.75 7.68 6.78
C ALA A 18 5.13 7.68 6.16
N VAL A 19 5.52 6.53 5.61
CA VAL A 19 6.76 6.39 4.87
C VAL A 19 6.44 5.89 3.46
N HIS A 20 7.43 5.99 2.60
CA HIS A 20 7.35 5.52 1.21
C HIS A 20 8.01 4.15 1.14
N LYS A 21 7.21 3.12 0.88
CA LYS A 21 7.76 1.78 0.69
C LYS A 21 8.12 1.56 -0.76
N PRO A 22 9.36 1.23 -1.08
CA PRO A 22 9.71 0.90 -2.46
C PRO A 22 9.25 -0.51 -2.81
N LYS A 23 9.23 -0.79 -4.12
CA LYS A 23 8.97 -2.14 -4.57
C LYS A 23 10.06 -3.08 -4.08
N GLY A 24 9.67 -4.30 -3.69
CA GLY A 24 10.63 -5.28 -3.23
C GLY A 24 10.35 -5.79 -1.84
N PRO A 25 10.54 -4.94 -0.82
CA PRO A 25 10.38 -5.41 0.57
C PRO A 25 8.93 -5.60 0.97
N THR A 26 8.70 -6.61 1.80
CA THR A 26 7.41 -6.70 2.48
C THR A 26 7.28 -5.56 3.49
N SER A 27 6.05 -5.34 3.95
CA SER A 27 5.81 -4.29 4.93
C SER A 27 6.45 -4.62 6.27
N ALA A 28 6.55 -5.90 6.61
CA ALA A 28 7.23 -6.29 7.84
C ALA A 28 8.73 -6.05 7.74
N GLU A 29 9.34 -6.41 6.60
CA GLU A 29 10.77 -6.16 6.42
C GLU A 29 11.09 -4.67 6.45
N LEU A 30 10.19 -3.83 5.96
CA LEU A 30 10.46 -2.40 6.00
C LEU A 30 10.35 -1.84 7.42
N LEU A 31 9.36 -2.31 8.19
CA LEU A 31 9.27 -1.90 9.59
C LEU A 31 10.53 -2.31 10.35
N ASN A 32 11.03 -3.52 10.12
CA ASN A 32 12.24 -3.98 10.80
C ASN A 32 13.44 -3.11 10.42
N ARG A 33 13.58 -2.79 9.13
CA ARG A 33 14.68 -1.94 8.70
C ARG A 33 14.56 -0.53 9.30
N LEU A 34 13.32 -0.02 9.41
CA LEU A 34 13.12 1.30 10.00
C LEU A 34 13.37 1.30 11.51
N LYS A 35 12.91 0.25 12.19
CA LYS A 35 13.14 0.14 13.63
C LYS A 35 14.64 0.06 13.94
N GLU A 36 15.36 -0.83 13.26
CA GLU A 36 16.81 -0.95 13.47
C GLU A 36 17.52 0.35 13.12
N LYS A 37 17.03 1.08 12.13
CA LYS A 37 17.70 2.31 11.72
C LYS A 37 17.61 3.39 12.80
N LEU A 38 16.43 3.54 13.40
CA LEU A 38 16.26 4.58 14.42
C LEU A 38 17.02 4.24 15.69
N LEU A 39 17.02 2.96 16.08
CA LEU A 39 17.78 2.56 17.26
C LEU A 39 19.27 2.77 17.05
N ALA A 40 19.78 2.47 15.85
CA ALA A 40 21.20 2.67 15.59
C ALA A 40 21.56 4.15 15.60
N GLU A 41 20.65 5.01 15.14
CA GLU A 41 20.93 6.45 15.14
C GLU A 41 21.09 6.97 16.56
N ALA A 42 20.23 6.53 17.47
CA ALA A 42 20.34 6.91 18.88
C ALA A 42 21.44 6.17 19.61
N GLY A 43 22.04 5.16 18.99
CA GLY A 43 23.04 4.35 19.68
C GLY A 43 22.45 3.41 20.71
N MET A 44 21.17 3.05 20.57
CA MET A 44 20.59 2.09 21.49
C MET A 44 20.77 0.68 20.96
N PRO A 45 20.80 -0.32 21.83
CA PRO A 45 20.98 -1.71 21.38
C PRO A 45 19.79 -2.21 20.59
N SER A 46 20.00 -3.33 19.89
CA SER A 46 18.96 -3.96 19.10
C SER A 46 17.81 -4.41 20.01
N PRO A 47 16.61 -4.63 19.44
CA PRO A 47 15.52 -5.17 20.27
C PRO A 47 15.87 -6.47 20.96
N GLU A 48 16.66 -7.33 20.30
CA GLU A 48 17.17 -8.53 20.94
C GLU A 48 18.19 -8.23 22.03
N TRP A 49 18.53 -6.96 22.25
CA TRP A 49 19.54 -6.56 23.23
C TRP A 49 19.01 -5.53 24.22
N THR A 50 17.73 -5.22 24.19
CA THR A 50 17.14 -4.39 25.23
C THR A 50 17.09 -5.16 26.55
N LYS A 51 17.18 -4.41 27.65
CA LYS A 51 17.24 -5.00 28.98
C LYS A 51 15.86 -5.22 29.59
N ARG A 52 14.82 -5.35 28.77
CA ARG A 52 13.44 -5.51 29.23
C ARG A 52 12.98 -4.33 30.07
N LYS A 53 13.60 -3.17 29.87
CA LYS A 53 13.23 -1.96 30.57
C LYS A 53 12.15 -1.22 29.80
N LYS A 54 11.74 -0.06 30.34
CA LYS A 54 10.80 0.78 29.62
C LYS A 54 11.41 1.36 28.35
N GLN A 55 12.74 1.35 28.24
CA GLN A 55 13.42 1.86 27.05
C GLN A 55 13.34 0.85 25.90
N THR A 56 12.11 0.48 25.57
CA THR A 56 11.82 -0.40 24.44
C THR A 56 10.97 0.36 23.43
N LEU A 57 11.49 0.49 22.21
CA LEU A 57 10.79 1.25 21.18
C LEU A 57 9.61 0.44 20.65
N LYS A 58 8.44 1.08 20.59
CA LYS A 58 7.22 0.46 20.10
C LYS A 58 6.86 1.06 18.74
N ILE A 59 6.64 0.18 17.76
CA ILE A 59 6.43 0.61 16.38
C ILE A 59 5.58 -0.44 15.66
N GLY A 60 4.87 0.01 14.63
CA GLY A 60 4.03 -0.88 13.84
C GLY A 60 3.42 -0.12 12.68
N HIS A 61 2.77 -0.87 11.79
CA HIS A 61 2.15 -0.30 10.60
C HIS A 61 0.63 -0.42 10.68
N GLY A 62 -0.05 0.42 9.90
CA GLY A 62 -1.50 0.48 9.93
C GLY A 62 -2.18 0.17 8.61
N GLY A 63 -1.94 -1.04 8.10
CA GLY A 63 -2.47 -1.44 6.81
C GLY A 63 -1.40 -1.94 5.87
N THR A 64 -1.43 -3.23 5.55
CA THR A 64 -0.32 -3.86 4.85
C THR A 64 -0.25 -3.43 3.39
N LEU A 65 0.97 -3.40 2.86
CA LEU A 65 1.24 -3.09 1.46
C LEU A 65 2.16 -4.19 0.93
N ASP A 66 1.72 -4.86 -0.13
CA ASP A 66 2.37 -6.10 -0.54
C ASP A 66 3.77 -5.82 -1.11
N SER A 67 4.51 -6.92 -1.33
CA SER A 67 5.92 -6.81 -1.71
C SER A 67 6.08 -6.10 -3.04
N ALA A 68 5.26 -6.44 -4.03
CA ALA A 68 5.42 -5.88 -5.37
C ALA A 68 4.86 -4.48 -5.52
N ALA A 69 4.20 -3.94 -4.49
CA ALA A 69 3.58 -2.63 -4.59
C ALA A 69 4.51 -1.55 -4.05
N ARG A 70 4.15 -0.30 -4.32
CA ARG A 70 4.89 0.88 -3.88
C ARG A 70 3.93 1.85 -3.20
N GLY A 71 4.48 2.72 -2.36
CA GLY A 71 3.77 3.92 -1.92
C GLY A 71 3.57 3.97 -0.41
N VAL A 72 2.40 4.48 -0.01
CA VAL A 72 2.19 4.94 1.36
C VAL A 72 2.04 3.74 2.30
N LEU A 73 2.83 3.74 3.38
CA LEU A 73 2.67 2.79 4.47
C LEU A 73 2.60 3.59 5.77
N VAL A 74 1.48 3.45 6.48
CA VAL A 74 1.25 4.22 7.71
C VAL A 74 1.97 3.53 8.86
N VAL A 75 2.70 4.31 9.66
CA VAL A 75 3.48 3.78 10.78
C VAL A 75 3.00 4.45 12.07
N GLY A 76 2.87 3.64 13.11
CA GLY A 76 2.58 4.13 14.46
C GLY A 76 3.78 3.90 15.35
N ILE A 77 4.08 4.90 16.17
CA ILE A 77 5.23 4.85 17.07
C ILE A 77 4.79 5.34 18.44
N GLY A 78 5.45 4.82 19.47
CA GLY A 78 5.02 5.13 20.82
C GLY A 78 3.61 4.63 21.06
N SER A 79 2.85 5.39 21.85
CA SER A 79 1.45 5.03 22.05
C SER A 79 0.61 5.21 20.80
N GLY A 80 1.16 5.83 19.75
CA GLY A 80 0.48 5.94 18.47
C GLY A 80 0.16 4.60 17.83
N THR A 81 0.76 3.51 18.30
CA THR A 81 0.39 2.18 17.81
C THR A 81 -1.05 1.83 18.21
N LYS A 82 -1.54 2.39 19.32
CA LYS A 82 -2.92 2.18 19.73
C LYS A 82 -3.92 2.88 18.82
N MET A 83 -3.45 3.79 17.96
CA MET A 83 -4.30 4.47 16.99
C MET A 83 -4.44 3.73 15.67
N LEU A 84 -3.62 2.71 15.43
CA LEU A 84 -3.55 2.13 14.09
C LEU A 84 -4.82 1.35 13.72
N THR A 85 -5.50 0.76 14.71
CA THR A 85 -6.72 0.02 14.41
C THR A 85 -7.77 0.93 13.76
N SER A 86 -7.84 2.19 14.21
CA SER A 86 -8.78 3.15 13.64
C SER A 86 -8.34 3.67 12.28
N MET A 87 -7.04 3.60 11.98
CA MET A 87 -6.55 4.06 10.67
C MET A 87 -7.07 3.21 9.53
N LEU A 88 -7.49 1.97 9.80
CA LEU A 88 -8.00 1.10 8.76
C LEU A 88 -9.30 1.62 8.14
N SER A 89 -10.03 2.48 8.86
CA SER A 89 -11.29 3.00 8.34
C SER A 89 -11.08 4.01 7.22
N GLY A 90 -9.89 4.58 7.10
CA GLY A 90 -9.66 5.61 6.11
C GLY A 90 -9.65 5.09 4.69
N SER A 91 -10.08 5.93 3.76
CA SER A 91 -10.10 5.58 2.35
C SER A 91 -8.68 5.50 1.79
N LYS A 92 -8.55 4.80 0.67
CA LYS A 92 -7.26 4.64 0.03
C LYS A 92 -7.32 5.12 -1.41
N ARG A 93 -6.15 5.40 -1.98
CA ARG A 93 -6.03 5.79 -3.37
C ARG A 93 -4.88 5.02 -4.00
N TYR A 94 -5.08 4.57 -5.23
CA TYR A 94 -4.09 3.79 -5.95
C TYR A 94 -3.92 4.33 -7.35
N THR A 95 -2.71 4.17 -7.87
CA THR A 95 -2.44 4.26 -9.31
C THR A 95 -1.98 2.87 -9.75
N ALA A 96 -2.76 2.24 -10.62
CA ALA A 96 -2.49 0.87 -11.05
C ALA A 96 -2.33 0.82 -12.56
N ILE A 97 -1.41 -0.03 -13.01
CA ILE A 97 -1.21 -0.30 -14.43
C ILE A 97 -1.61 -1.75 -14.69
N GLY A 98 -2.67 -1.93 -15.47
CA GLY A 98 -3.12 -3.26 -15.86
C GLY A 98 -2.62 -3.59 -17.25
N GLU A 99 -2.47 -4.89 -17.52
CA GLU A 99 -2.03 -5.37 -18.83
C GLU A 99 -3.10 -6.29 -19.38
N LEU A 100 -3.73 -5.88 -20.48
CA LEU A 100 -4.71 -6.73 -21.13
C LEU A 100 -4.04 -7.94 -21.77
N GLY A 101 -4.83 -8.97 -22.02
CA GLY A 101 -4.39 -10.13 -22.77
C GLY A 101 -3.74 -11.23 -21.96
N LYS A 102 -3.40 -10.99 -20.70
CA LYS A 102 -2.67 -11.97 -19.90
C LYS A 102 -3.22 -11.99 -18.49
N ALA A 103 -3.53 -13.18 -17.99
CA ALA A 103 -3.98 -13.39 -16.62
C ALA A 103 -2.99 -14.29 -15.89
N THR A 104 -2.78 -14.02 -14.61
CA THR A 104 -1.87 -14.82 -13.78
C THR A 104 -2.60 -15.32 -12.54
N ASP A 105 -2.02 -16.34 -11.91
CA ASP A 105 -2.63 -16.95 -10.73
C ASP A 105 -2.61 -16.02 -9.53
N THR A 106 -1.73 -15.03 -9.52
CA THR A 106 -1.69 -14.04 -8.44
C THR A 106 -2.40 -12.75 -8.83
N LEU A 107 -2.88 -12.64 -10.06
CA LEU A 107 -3.52 -11.46 -10.63
C LEU A 107 -2.55 -10.29 -10.79
N ASP A 108 -1.24 -10.52 -10.68
CA ASP A 108 -0.24 -9.50 -10.96
C ASP A 108 0.92 -10.12 -11.72
N SER A 109 1.90 -9.29 -12.06
CA SER A 109 3.00 -9.68 -12.94
C SER A 109 4.01 -10.60 -12.29
N THR A 110 3.88 -10.91 -10.99
CA THR A 110 4.81 -11.82 -10.34
C THR A 110 4.40 -13.29 -10.49
N GLY A 111 3.12 -13.55 -10.65
CA GLY A 111 2.61 -14.91 -10.70
C GLY A 111 2.88 -15.60 -12.02
N LYS A 112 2.32 -16.80 -12.14
CA LYS A 112 2.46 -17.59 -13.34
C LYS A 112 1.28 -17.36 -14.26
N VAL A 113 1.58 -17.23 -15.56
CA VAL A 113 0.54 -17.01 -16.56
C VAL A 113 -0.44 -18.17 -16.55
N THR A 114 -1.74 -17.85 -16.58
CA THR A 114 -2.78 -18.87 -16.57
C THR A 114 -3.74 -18.78 -17.76
N GLU A 115 -3.66 -17.73 -18.56
CA GLU A 115 -4.65 -17.52 -19.62
C GLU A 115 -4.16 -16.41 -20.54
N GLU A 116 -4.50 -16.53 -21.83
CA GLU A 116 -4.17 -15.52 -22.81
C GLU A 116 -5.36 -15.35 -23.76
N LYS A 117 -5.78 -14.10 -23.93
CA LYS A 117 -6.85 -13.73 -24.85
C LYS A 117 -6.43 -12.52 -25.66
N PRO A 118 -6.95 -12.36 -26.88
CA PRO A 118 -6.65 -11.16 -27.65
C PRO A 118 -7.22 -9.91 -26.99
N TYR A 119 -6.73 -8.76 -27.44
CA TYR A 119 -7.20 -7.49 -26.91
C TYR A 119 -7.21 -6.39 -27.98
N ASP A 120 -7.00 -6.72 -29.25
CA ASP A 120 -6.88 -5.69 -30.28
C ASP A 120 -8.20 -4.99 -30.55
N LYS A 121 -9.33 -5.60 -30.20
CA LYS A 121 -10.62 -4.96 -30.39
C LYS A 121 -10.95 -3.97 -29.27
N ILE A 122 -10.19 -3.97 -28.18
CA ILE A 122 -10.49 -3.10 -27.05
C ILE A 122 -9.94 -1.71 -27.34
N THR A 123 -10.84 -0.73 -27.42
CA THR A 123 -10.45 0.67 -27.60
C THR A 123 -10.47 1.40 -26.26
N GLN A 124 -9.94 2.63 -26.28
CA GLN A 124 -9.92 3.44 -25.07
C GLN A 124 -11.33 3.81 -24.63
N GLU A 125 -12.22 4.08 -25.59
CA GLU A 125 -13.60 4.39 -25.27
C GLU A 125 -14.29 3.19 -24.64
N ASP A 126 -13.97 1.99 -25.10
CA ASP A 126 -14.56 0.78 -24.53
C ASP A 126 -14.20 0.64 -23.06
N ILE A 127 -12.97 1.01 -22.69
CA ILE A 127 -12.55 0.95 -21.29
C ILE A 127 -13.26 2.04 -20.49
N GLU A 128 -13.23 3.27 -20.97
CA GLU A 128 -13.92 4.36 -20.28
C GLU A 128 -15.39 4.04 -20.08
N GLY A 129 -15.98 3.26 -20.98
CA GLY A 129 -17.40 2.96 -20.88
C GLY A 129 -17.73 2.07 -19.69
N ILE A 130 -16.97 0.98 -19.51
CA ILE A 130 -17.31 -0.01 -18.49
C ILE A 130 -16.76 0.35 -17.11
N LEU A 131 -16.10 1.49 -16.97
CA LEU A 131 -15.59 1.89 -15.66
C LEU A 131 -16.70 2.22 -14.68
N GLN A 132 -17.89 2.58 -15.17
CA GLN A 132 -18.99 2.96 -14.28
C GLN A 132 -19.64 1.75 -13.63
N LYS A 133 -19.54 0.58 -14.26
CA LYS A 133 -20.00 -0.65 -13.60
C LYS A 133 -19.19 -0.95 -12.35
N PHE A 134 -18.00 -0.36 -12.21
CA PHE A 134 -17.13 -0.58 -11.07
C PHE A 134 -17.07 0.62 -10.14
N THR A 135 -17.89 1.63 -10.37
CA THR A 135 -17.90 2.83 -9.54
C THR A 135 -19.10 2.80 -8.61
N GLY A 136 -18.88 3.16 -7.35
CA GLY A 136 -19.93 3.13 -6.35
C GLY A 136 -19.83 1.93 -5.44
N ASN A 137 -20.96 1.43 -4.97
CA ASN A 137 -21.02 0.23 -4.14
C ASN A 137 -21.12 -0.99 -5.05
N ILE A 138 -20.05 -1.79 -5.09
CA ILE A 138 -19.97 -2.92 -6.01
C ILE A 138 -19.67 -4.19 -5.22
N MET A 139 -19.97 -5.32 -5.85
CA MET A 139 -19.60 -6.64 -5.35
C MET A 139 -18.26 -7.04 -5.94
N GLN A 140 -17.40 -7.63 -5.12
CA GLN A 140 -16.05 -7.95 -5.58
C GLN A 140 -15.54 -9.21 -4.87
N VAL A 141 -15.00 -10.13 -5.67
CA VAL A 141 -14.43 -11.37 -5.14
C VAL A 141 -12.95 -11.14 -4.87
N PRO A 142 -12.46 -11.42 -3.67
CA PRO A 142 -11.05 -11.18 -3.35
C PRO A 142 -10.15 -12.09 -4.16
N PRO A 143 -8.87 -11.72 -4.33
CA PRO A 143 -7.95 -12.60 -5.06
C PRO A 143 -7.78 -13.93 -4.33
N LEU A 144 -7.47 -14.97 -5.12
CA LEU A 144 -7.37 -16.32 -4.56
C LEU A 144 -6.26 -16.40 -3.53
N TYR A 145 -5.07 -15.91 -3.87
CA TYR A 145 -3.90 -16.05 -3.00
C TYR A 145 -3.70 -14.82 -2.12
N SER A 146 -4.75 -14.43 -1.39
CA SER A 146 -4.70 -13.28 -0.50
C SER A 146 -5.09 -13.71 0.91
N ALA A 147 -4.39 -13.15 1.90
CA ALA A 147 -4.64 -13.46 3.30
C ALA A 147 -4.02 -12.40 4.21
N ALA A 167 -11.16 -20.77 -2.12
CA ALA A 167 -10.99 -19.34 -2.29
C ALA A 167 -11.80 -18.57 -1.24
N LYS A 168 -11.92 -17.23 -1.45
CA LYS A 168 -12.61 -16.31 -0.54
C LYS A 168 -13.99 -15.96 -1.07
N PRO A 169 -14.95 -15.69 -0.19
CA PRO A 169 -16.28 -15.29 -0.65
C PRO A 169 -16.35 -13.83 -1.03
N ALA A 170 -17.21 -13.53 -2.00
CA ALA A 170 -17.37 -12.16 -2.48
C ALA A 170 -17.83 -11.24 -1.35
N ARG A 171 -17.31 -10.01 -1.37
CA ARG A 171 -17.52 -9.07 -0.28
C ARG A 171 -17.92 -7.71 -0.83
N PRO A 172 -18.70 -6.94 -0.07
CA PRO A 172 -19.10 -5.60 -0.53
C PRO A 172 -18.00 -4.58 -0.30
N VAL A 173 -17.72 -3.78 -1.33
CA VAL A 173 -16.66 -2.78 -1.30
C VAL A 173 -17.15 -1.49 -1.93
N THR A 174 -16.41 -0.41 -1.68
CA THR A 174 -16.80 0.93 -2.11
C THR A 174 -15.72 1.52 -3.00
N VAL A 175 -16.14 2.03 -4.16
CA VAL A 175 -15.27 2.76 -5.08
C VAL A 175 -15.78 4.19 -5.16
N TYR A 176 -14.94 5.14 -4.77
CA TYR A 176 -15.36 6.54 -4.78
C TYR A 176 -15.13 7.21 -6.13
N SER A 177 -14.09 6.82 -6.86
CA SER A 177 -13.87 7.31 -8.21
C SER A 177 -12.91 6.38 -8.92
N ILE A 178 -13.06 6.29 -10.25
CA ILE A 178 -12.12 5.61 -11.13
C ILE A 178 -11.95 6.48 -12.37
N SER A 179 -10.70 6.67 -12.80
CA SER A 179 -10.45 7.39 -14.05
C SER A 179 -9.32 6.71 -14.81
N LEU A 180 -9.44 6.68 -16.13
CA LEU A 180 -8.43 6.10 -17.00
C LEU A 180 -7.47 7.22 -17.41
N GLN A 181 -6.23 7.14 -16.93
CA GLN A 181 -5.25 8.19 -17.21
C GLN A 181 -4.56 8.00 -18.56
N LYS A 182 -4.41 6.75 -18.99
CA LYS A 182 -3.60 6.44 -20.16
C LYS A 182 -3.98 5.07 -20.68
N PHE A 183 -4.01 4.92 -21.99
CA PHE A 183 -4.21 3.62 -22.62
C PHE A 183 -3.21 3.46 -23.75
N GLN A 184 -2.23 2.57 -23.56
CA GLN A 184 -1.28 2.22 -24.61
C GLN A 184 -1.31 0.70 -24.75
N PRO A 185 -2.21 0.18 -25.58
CA PRO A 185 -2.49 -1.28 -25.61
C PRO A 185 -1.21 -2.10 -25.60
N PRO A 186 -1.08 -3.06 -24.66
CA PRO A 186 -2.15 -3.52 -23.77
C PRO A 186 -2.27 -2.85 -22.41
N PHE A 187 -1.54 -1.77 -22.14
CA PHE A 187 -1.44 -1.22 -20.79
C PHE A 187 -2.43 -0.09 -20.59
N PHE A 188 -3.24 -0.20 -19.54
CA PHE A 188 -4.16 0.85 -19.14
C PHE A 188 -3.86 1.25 -17.69
N THR A 189 -3.67 2.56 -17.47
CA THR A 189 -3.35 3.09 -16.15
C THR A 189 -4.60 3.68 -15.53
N LEU A 190 -4.91 3.25 -14.31
CA LEU A 190 -6.13 3.65 -13.62
C LEU A 190 -5.78 4.43 -12.36
N ASP A 191 -6.58 5.45 -12.07
CA ASP A 191 -6.55 6.17 -10.81
C ASP A 191 -7.82 5.82 -10.05
N VAL A 192 -7.66 5.23 -8.87
CA VAL A 192 -8.79 4.68 -8.12
C VAL A 192 -8.80 5.23 -6.70
N GLU A 193 -9.92 5.82 -6.30
CA GLU A 193 -10.18 6.20 -4.92
C GLU A 193 -11.25 5.26 -4.38
N CYS A 194 -10.94 4.57 -3.28
CA CYS A 194 -11.74 3.44 -2.84
C CYS A 194 -11.69 3.33 -1.32
N GLY A 195 -12.43 2.35 -0.80
CA GLY A 195 -12.41 2.05 0.62
C GLY A 195 -11.22 1.20 1.02
N GLY A 196 -11.15 0.91 2.32
CA GLY A 196 -10.02 0.16 2.84
C GLY A 196 -9.90 -1.23 2.26
N GLY A 197 -11.00 -1.99 2.30
CA GLY A 197 -10.95 -3.40 1.94
C GLY A 197 -11.06 -3.69 0.45
N PHE A 198 -10.82 -2.69 -0.38
CA PHE A 198 -10.89 -2.87 -1.83
C PHE A 198 -9.63 -3.56 -2.34
N TYR A 199 -9.81 -4.47 -3.31
CA TYR A 199 -8.71 -5.19 -3.93
C TYR A 199 -8.52 -4.67 -5.35
N ILE A 200 -7.38 -4.02 -5.59
CA ILE A 200 -7.09 -3.49 -6.92
C ILE A 200 -6.82 -4.61 -7.91
N ARG A 201 -6.18 -5.70 -7.46
CA ARG A 201 -5.95 -6.83 -8.33
C ARG A 201 -7.26 -7.42 -8.85
N SER A 202 -8.27 -7.49 -7.98
CA SER A 202 -9.58 -7.98 -8.41
C SER A 202 -10.18 -7.05 -9.46
N LEU A 203 -10.06 -5.74 -9.26
CA LEU A 203 -10.62 -4.79 -10.21
C LEU A 203 -9.97 -4.95 -11.58
N VAL A 204 -8.64 -5.05 -11.62
CA VAL A 204 -7.94 -5.16 -12.89
C VAL A 204 -8.30 -6.47 -13.60
N SER A 205 -8.38 -7.56 -12.83
CA SER A 205 -8.75 -8.84 -13.44
C SER A 205 -10.18 -8.80 -13.97
N ASP A 206 -11.10 -8.18 -13.23
CA ASP A 206 -12.49 -8.14 -13.67
C ASP A 206 -12.69 -7.19 -14.84
N ILE A 207 -11.91 -6.10 -14.91
CA ILE A 207 -12.00 -5.20 -16.05
C ILE A 207 -11.59 -5.93 -17.32
N GLY A 208 -10.57 -6.79 -17.23
CA GLY A 208 -10.20 -7.61 -18.38
C GLY A 208 -11.29 -8.58 -18.78
N LYS A 209 -11.94 -9.20 -17.79
CA LYS A 209 -13.04 -10.11 -18.09
C LYS A 209 -14.20 -9.38 -18.73
N GLU A 210 -14.63 -8.26 -18.14
CA GLU A 210 -15.78 -7.53 -18.65
C GLU A 210 -15.55 -7.03 -20.08
N LEU A 211 -14.30 -6.92 -20.51
CA LEU A 211 -13.99 -6.54 -21.88
C LEU A 211 -13.72 -7.75 -22.77
N SER A 212 -14.23 -8.92 -22.37
CA SER A 212 -14.10 -10.15 -23.15
C SER A 212 -12.63 -10.49 -23.43
N SER A 213 -11.79 -10.28 -22.42
CA SER A 213 -10.37 -10.58 -22.50
C SER A 213 -9.89 -11.08 -21.14
N CYS A 214 -8.69 -10.67 -20.73
CA CYS A 214 -8.21 -10.92 -19.38
C CYS A 214 -7.19 -9.84 -19.05
N ALA A 215 -6.72 -9.84 -17.80
CA ALA A 215 -5.82 -8.79 -17.36
C ALA A 215 -5.17 -9.18 -16.04
N ASN A 216 -4.03 -8.54 -15.76
CA ASN A 216 -3.34 -8.67 -14.48
C ASN A 216 -2.63 -7.37 -14.22
N VAL A 217 -2.22 -7.17 -12.97
CA VAL A 217 -1.64 -5.91 -12.51
C VAL A 217 -0.15 -5.91 -12.79
N LEU A 218 0.32 -4.93 -13.56
CA LEU A 218 1.74 -4.81 -13.83
C LEU A 218 2.45 -4.00 -12.75
N GLU A 219 1.82 -2.93 -12.27
CA GLU A 219 2.41 -2.02 -11.30
C GLU A 219 1.31 -1.49 -10.42
N LEU A 220 1.62 -1.27 -9.14
CA LEU A 220 0.61 -0.84 -8.17
C LEU A 220 1.24 0.12 -7.17
N THR A 221 0.76 1.36 -7.14
CA THR A 221 1.27 2.41 -6.27
C THR A 221 0.13 2.91 -5.39
N ARG A 222 0.30 2.84 -4.07
CA ARG A 222 -0.67 3.38 -3.13
C ARG A 222 -0.32 4.83 -2.85
N THR A 223 -1.10 5.75 -3.41
CA THR A 223 -0.80 7.17 -3.31
C THR A 223 -1.46 7.85 -2.11
N LYS A 224 -2.36 7.16 -1.42
CA LYS A 224 -3.04 7.77 -0.28
C LYS A 224 -3.59 6.67 0.61
N GLN A 225 -3.45 6.86 1.93
CA GLN A 225 -4.17 6.07 2.91
C GLN A 225 -4.62 6.99 4.03
N GLY A 226 -5.92 7.24 4.12
CA GLY A 226 -6.47 8.08 5.15
C GLY A 226 -6.09 9.54 4.97
N PRO A 227 -5.40 10.10 5.95
CA PRO A 227 -4.96 11.50 5.86
C PRO A 227 -3.57 11.68 5.27
N PHE A 228 -2.89 10.59 4.89
CA PHE A 228 -1.51 10.64 4.43
C PHE A 228 -1.47 10.35 2.94
N THR A 229 -0.89 11.28 2.18
CA THR A 229 -0.67 11.09 0.76
C THR A 229 0.81 10.89 0.47
N LEU A 230 1.08 10.20 -0.64
CA LEU A 230 2.45 10.03 -1.09
C LEU A 230 3.06 11.38 -1.50
N GLU A 231 2.23 12.24 -2.12
CA GLU A 231 2.72 13.51 -2.65
C GLU A 231 3.14 14.45 -1.53
N GLU A 232 2.44 14.44 -0.40
CA GLU A 232 2.65 15.43 0.66
C GLU A 232 3.36 14.87 1.88
N HIS A 233 2.96 13.70 2.38
CA HIS A 233 3.34 13.29 3.72
C HIS A 233 4.40 12.20 3.78
N ALA A 234 4.50 11.34 2.77
CA ALA A 234 5.27 10.10 2.92
C ALA A 234 6.77 10.40 3.02
N LEU A 235 7.39 9.96 4.11
CA LEU A 235 8.81 10.21 4.33
C LEU A 235 9.65 9.33 3.42
N PRO A 236 10.57 9.90 2.64
CA PRO A 236 11.55 9.07 1.94
C PRO A 236 12.59 8.52 2.90
N GLU A 237 13.35 7.53 2.41
CA GLU A 237 14.27 6.80 3.28
C GLU A 237 15.31 7.71 3.92
N ASP A 238 15.81 8.69 3.16
CA ASP A 238 16.80 9.61 3.70
C ASP A 238 16.24 10.50 4.80
N LYS A 239 14.92 10.51 5.02
CA LYS A 239 14.32 11.26 6.11
C LYS A 239 13.78 10.34 7.21
N TRP A 240 14.19 9.07 7.22
CA TRP A 240 13.83 8.17 8.31
C TRP A 240 14.79 8.39 9.48
N THR A 241 14.67 9.57 10.09
CA THR A 241 15.51 9.95 11.21
C THR A 241 14.62 10.36 12.39
N ILE A 242 15.24 10.41 13.57
CA ILE A 242 14.49 10.76 14.77
C ILE A 242 13.94 12.18 14.67
N ASP A 243 14.72 13.12 14.12
CA ASP A 243 14.25 14.50 14.07
C ASP A 243 13.18 14.67 12.99
N ASP A 244 13.35 14.05 11.82
CA ASP A 244 12.35 14.18 10.76
C ASP A 244 11.01 13.58 11.18
N ILE A 245 11.05 12.41 11.85
CA ILE A 245 9.82 11.78 12.28
C ILE A 245 9.11 12.63 13.33
N ALA A 246 9.88 13.21 14.27
CA ALA A 246 9.30 14.12 15.25
C ALA A 246 8.57 15.27 14.59
N GLN A 247 9.14 15.84 13.54
CA GLN A 247 8.53 17.00 12.88
C GLN A 247 7.28 16.62 12.11
N SER A 248 7.19 15.39 11.62
CA SER A 248 6.05 14.97 10.81
C SER A 248 5.01 14.19 11.60
N LEU A 249 5.25 13.96 12.89
CA LEU A 249 4.36 13.12 13.69
C LEU A 249 2.97 13.76 13.80
N GLU A 250 1.95 12.91 13.83
CA GLU A 250 0.56 13.31 14.05
C GLU A 250 0.12 12.74 15.39
N HIS A 251 0.28 13.52 16.46
CA HIS A 251 -0.04 13.07 17.81
C HIS A 251 -1.53 12.80 17.97
BR BR B . -14.46 -0.74 0.95
BR BR C . -5.10 -6.34 -4.35
#